data_3UIO
#
_entry.id   3UIO
#
_cell.length_a   151.351
_cell.length_b   151.351
_cell.length_c   57.442
_cell.angle_alpha   90.000
_cell.angle_beta   90.000
_cell.angle_gamma   120.000
#
_symmetry.space_group_name_H-M   'P 32 2 1'
#
loop_
_entity.id
_entity.type
_entity.pdbx_description
1 polymer 'SUMO-conjugating enzyme UBC9'
2 polymer 'Small ubiquitin-related modifier 2'
3 polymer 'Ran GTPase-activating protein 1'
4 polymer 'E3 SUMO-protein ligase RanBP2'
5 water water
#
loop_
_entity_poly.entity_id
_entity_poly.type
_entity_poly.pdbx_seq_one_letter_code
_entity_poly.pdbx_strand_id
1 'polypeptide(L)'
;MSGIALSRLAQERKAWRKDHPFGFVAVPTKNPDGTMNLMNWECAIPGKKGTPWEGGLFKLRMLFKDDYPSSPPKCKFEPP
LFHPNVYPSGTV(CSD)LSILEEDKDWRPAITIKQILLGIQELLNEPNIQDPAQAEAYTIY(CSD)QNRVEYEKRVRAQA
KKFAPS
;
A
2 'polypeptide(L)' NNDHINLKVAGQDGSVVQFKIKRHTPLSKLMKAYCERQGLSMRQIRFRFDGQPINETDTPAQLEMEDEDTIDVFQQQTGG B
3 'polypeptide(L)'
;SLTGEPAPVLSSPPPADVSTFLAFPSPEKLLRLGPKSSVLIAQQTDTSDPEKVVSAFLKVSSVFKDEATVRMAVQDAVDA
LMQKAFNSSSFNSNTFLTRLLVHMGLLKSEDKVKAIANLYGPLMALNHMVQQDYFPKALAPLLLAFVTKPNSALESCSFA
RHSLLQTLYKV
;
C
4 'polypeptide(L)' SLDVLIVYELTPTVEEKAKADTLKLPPTFF(CSD)YKNRPDYVSEEEEDDEDFETAVKKLNGKLYLDGSEK D
#
# COMPACT_ATOMS: atom_id res chain seq x y z
N GLY A 3 -24.06 -1.24 12.28
CA GLY A 3 -24.20 -1.83 13.61
C GLY A 3 -23.72 -3.28 13.64
N ILE A 4 -23.11 -3.71 12.54
CA ILE A 4 -22.67 -5.10 12.39
C ILE A 4 -21.16 -5.36 12.64
N ALA A 5 -20.40 -4.31 12.93
CA ALA A 5 -18.94 -4.48 12.98
C ALA A 5 -18.46 -5.58 13.97
N LEU A 6 -18.71 -5.42 15.27
CA LEU A 6 -18.29 -6.43 16.26
C LEU A 6 -18.89 -7.80 15.97
N SER A 7 -20.15 -7.81 15.59
CA SER A 7 -20.82 -9.05 15.28
C SER A 7 -20.15 -9.78 14.09
N ARG A 8 -19.79 -9.03 13.06
CA ARG A 8 -19.15 -9.64 11.89
C ARG A 8 -17.74 -10.10 12.23
N LEU A 9 -16.94 -9.19 12.81
CA LEU A 9 -15.56 -9.50 13.24
C LEU A 9 -15.49 -10.79 14.07
N ALA A 10 -16.37 -10.91 15.06
CA ALA A 10 -16.52 -12.16 15.81
C ALA A 10 -16.73 -13.38 14.89
N GLN A 11 -17.54 -13.26 13.85
CA GLN A 11 -17.73 -14.40 12.95
C GLN A 11 -16.49 -14.68 12.11
N GLU A 12 -15.76 -13.63 11.74
CA GLU A 12 -14.57 -13.78 10.93
C GLU A 12 -13.45 -14.49 11.71
N ARG A 13 -13.34 -14.16 13.01
CA ARG A 13 -12.38 -14.80 13.93
C ARG A 13 -12.72 -16.28 14.23
N LYS A 14 -14.01 -16.58 14.39
CA LYS A 14 -14.48 -17.94 14.52
C LYS A 14 -14.08 -18.72 13.29
N ALA A 15 -14.42 -18.17 12.13
CA ALA A 15 -14.19 -18.81 10.83
C ALA A 15 -12.71 -19.07 10.60
N TRP A 16 -11.91 -18.03 10.83
CA TRP A 16 -10.45 -18.09 10.69
C TRP A 16 -9.84 -19.29 11.43
N ARG A 17 -10.25 -19.51 12.67
CA ARG A 17 -9.75 -20.65 13.44
C ARG A 17 -9.99 -22.02 12.77
N LYS A 18 -11.15 -22.19 12.14
CA LYS A 18 -11.39 -23.41 11.39
C LYS A 18 -10.70 -23.40 10.02
N ASP A 19 -10.83 -22.30 9.29
CA ASP A 19 -10.35 -22.26 7.93
C ASP A 19 -9.63 -20.97 7.58
N HIS A 20 -8.32 -21.06 7.39
CA HIS A 20 -7.54 -19.90 7.04
C HIS A 20 -6.34 -20.30 6.17
N PRO A 21 -5.87 -19.38 5.32
CA PRO A 21 -4.74 -19.71 4.44
C PRO A 21 -3.47 -20.08 5.22
N PHE A 22 -2.84 -21.20 4.79
CA PHE A 22 -1.62 -21.70 5.41
C PHE A 22 -0.54 -20.62 5.47
N GLY A 23 0.11 -20.49 6.64
CA GLY A 23 1.26 -19.61 6.78
C GLY A 23 0.91 -18.25 7.32
N PHE A 24 -0.38 -17.97 7.41
CA PHE A 24 -0.88 -16.64 7.79
C PHE A 24 -1.38 -16.67 9.22
N VAL A 25 -1.24 -15.55 9.93
CA VAL A 25 -1.79 -15.43 11.29
C VAL A 25 -2.74 -14.24 11.44
N ALA A 26 -3.95 -14.47 11.96
CA ALA A 26 -4.83 -13.35 12.37
C ALA A 26 -5.40 -13.53 13.79
N VAL A 27 -4.88 -12.72 14.70
CA VAL A 27 -5.29 -12.77 16.10
C VAL A 27 -5.71 -11.44 16.70
N PRO A 28 -7.01 -11.28 17.07
CA PRO A 28 -7.44 -10.09 17.79
C PRO A 28 -6.63 -9.89 19.08
N THR A 29 -6.26 -8.64 19.38
CA THR A 29 -5.59 -8.30 20.64
C THR A 29 -6.59 -8.41 21.79
N LYS A 30 -6.12 -8.13 23.00
CA LYS A 30 -6.95 -8.23 24.20
C LYS A 30 -7.35 -6.87 24.75
N ASN A 31 -8.62 -6.70 25.11
CA ASN A 31 -9.03 -5.55 25.93
C ASN A 31 -8.49 -5.69 27.37
N PRO A 32 -8.37 -4.56 28.11
CA PRO A 32 -7.91 -4.59 29.51
C PRO A 32 -8.62 -5.63 30.38
N ASP A 33 -9.91 -5.86 30.11
CA ASP A 33 -10.69 -6.83 30.89
C ASP A 33 -10.49 -8.28 30.44
N GLY A 34 -9.64 -8.49 29.43
CA GLY A 34 -9.29 -9.83 29.01
C GLY A 34 -10.15 -10.33 27.85
N THR A 35 -11.20 -9.59 27.52
CA THR A 35 -11.94 -9.88 26.30
C THR A 35 -11.08 -9.54 25.07
N MET A 36 -11.46 -10.14 23.94
CA MET A 36 -10.80 -9.86 22.69
C MET A 36 -11.24 -8.49 22.19
N ASN A 37 -10.26 -7.74 21.71
CA ASN A 37 -10.56 -6.50 21.04
C ASN A 37 -10.67 -6.83 19.54
N LEU A 38 -11.88 -6.84 19.02
CA LEU A 38 -12.12 -7.27 17.65
C LEU A 38 -11.84 -6.17 16.63
N MET A 39 -11.55 -4.97 17.14
CA MET A 39 -11.23 -3.85 16.28
C MET A 39 -9.75 -3.67 16.11
N ASN A 40 -8.98 -4.49 16.82
CA ASN A 40 -7.55 -4.42 16.65
C ASN A 40 -6.92 -5.82 16.58
N TRP A 41 -6.46 -6.20 15.39
CA TRP A 41 -5.87 -7.54 15.17
C TRP A 41 -4.40 -7.44 14.85
N GLU A 42 -3.63 -8.35 15.43
CA GLU A 42 -2.24 -8.53 15.03
C GLU A 42 -2.20 -9.66 14.01
N CYS A 43 -1.50 -9.38 12.91
CA CYS A 43 -1.48 -10.30 11.77
C CYS A 43 -0.05 -10.59 11.28
N ALA A 44 0.12 -11.69 10.56
CA ALA A 44 1.41 -12.04 9.98
C ALA A 44 1.20 -12.57 8.56
N ILE A 45 1.90 -11.97 7.61
CA ILE A 45 1.82 -12.41 6.22
C ILE A 45 3.14 -13.01 5.73
N PRO A 46 3.11 -14.27 5.27
CA PRO A 46 4.34 -14.82 4.67
C PRO A 46 4.58 -14.21 3.28
N GLY A 47 5.84 -13.92 2.95
CA GLY A 47 6.19 -13.57 1.58
C GLY A 47 5.74 -14.67 0.63
N LYS A 48 5.34 -14.33 -0.59
CA LYS A 48 4.97 -15.35 -1.58
C LYS A 48 6.16 -16.26 -1.92
N LYS A 49 5.89 -17.56 -2.06
CA LYS A 49 6.95 -18.51 -2.42
C LYS A 49 7.39 -18.25 -3.86
N GLY A 50 8.69 -18.40 -4.11
CA GLY A 50 9.24 -18.16 -5.43
C GLY A 50 9.31 -16.68 -5.78
N THR A 51 9.36 -15.81 -4.77
CA THR A 51 9.62 -14.39 -4.98
C THR A 51 10.72 -13.98 -4.03
N PRO A 52 11.33 -12.80 -4.23
CA PRO A 52 12.30 -12.33 -3.22
C PRO A 52 11.69 -12.13 -1.81
N TRP A 53 10.37 -12.13 -1.71
CA TRP A 53 9.69 -12.02 -0.43
C TRP A 53 9.65 -13.34 0.38
N GLU A 54 10.00 -14.44 -0.27
CA GLU A 54 9.88 -15.78 0.31
C GLU A 54 10.66 -15.96 1.61
N GLY A 55 10.01 -16.57 2.60
CA GLY A 55 10.65 -16.85 3.88
C GLY A 55 10.41 -15.80 4.96
N GLY A 56 10.05 -14.59 4.56
CA GLY A 56 9.70 -13.54 5.52
C GLY A 56 8.31 -13.76 6.10
N LEU A 57 8.17 -13.53 7.39
CA LEU A 57 6.85 -13.45 7.99
C LEU A 57 6.70 -12.04 8.54
N PHE A 58 5.83 -11.29 7.88
CA PHE A 58 5.73 -9.84 8.11
C PHE A 58 4.52 -9.49 8.95
N LYS A 59 4.80 -8.88 10.10
CA LYS A 59 3.74 -8.50 11.02
C LYS A 59 3.00 -7.28 10.50
N LEU A 60 1.67 -7.38 10.57
CA LEU A 60 0.79 -6.31 10.13
C LEU A 60 -0.27 -6.08 11.20
N ARG A 61 -0.54 -4.82 11.55
CA ARG A 61 -1.69 -4.52 12.40
C ARG A 61 -2.89 -4.10 11.57
N MET A 62 -4.03 -4.69 11.87
CA MET A 62 -5.27 -4.36 11.16
C MET A 62 -6.24 -3.65 12.12
N LEU A 63 -6.59 -2.39 11.83
CA LEU A 63 -7.47 -1.62 12.73
C LEU A 63 -8.82 -1.32 12.15
N PHE A 64 -9.87 -1.80 12.80
CA PHE A 64 -11.23 -1.54 12.31
C PHE A 64 -11.90 -0.35 13.02
N LYS A 65 -13.09 0.00 12.54
CA LYS A 65 -13.96 0.97 13.20
C LYS A 65 -15.41 0.50 13.15
N ASP A 66 -16.30 1.27 13.79
CA ASP A 66 -17.74 0.99 13.86
C ASP A 66 -18.41 0.79 12.50
N ASP A 67 -17.86 1.45 11.49
CA ASP A 67 -18.46 1.45 10.16
C ASP A 67 -18.14 0.17 9.36
N TYR A 68 -17.38 -0.74 9.97
CA TYR A 68 -17.03 -1.98 9.30
C TYR A 68 -18.27 -2.90 9.12
N PRO A 69 -18.43 -3.51 7.93
CA PRO A 69 -17.58 -3.36 6.73
C PRO A 69 -18.05 -2.35 5.68
N SER A 70 -18.56 -1.18 6.08
CA SER A 70 -18.83 -0.16 5.07
C SER A 70 -17.48 0.46 4.75
N SER A 71 -16.62 0.53 5.77
CA SER A 71 -15.27 1.02 5.58
C SER A 71 -14.28 -0.09 5.90
N PRO A 72 -13.21 -0.18 5.11
CA PRO A 72 -12.14 -1.15 5.34
C PRO A 72 -11.26 -0.79 6.54
N PRO A 73 -10.62 -1.79 7.14
CA PRO A 73 -9.66 -1.44 8.21
C PRO A 73 -8.49 -0.67 7.63
N LYS A 74 -7.77 0.03 8.48
CA LYS A 74 -6.46 0.58 8.11
C LYS A 74 -5.43 -0.49 8.46
N CYS A 75 -4.51 -0.77 7.55
CA CYS A 75 -3.51 -1.81 7.77
C CYS A 75 -2.13 -1.21 7.81
N LYS A 76 -1.42 -1.53 8.88
CA LYS A 76 -0.13 -0.94 9.17
C LYS A 76 0.91 -2.03 9.43
N PHE A 77 1.92 -2.11 8.58
CA PHE A 77 3.03 -3.02 8.80
C PHE A 77 3.86 -2.57 10.01
N GLU A 78 4.03 -3.47 10.97
CA GLU A 78 4.85 -3.21 12.16
C GLU A 78 6.02 -4.20 12.29
N PRO A 79 7.25 -3.71 12.11
CA PRO A 79 7.56 -2.30 11.85
C PRO A 79 7.34 -2.00 10.36
N PRO A 80 7.47 -0.72 9.93
CA PRO A 80 7.22 -0.38 8.52
C PRO A 80 8.12 -1.19 7.58
N LEU A 81 7.66 -1.48 6.36
CA LEU A 81 8.41 -2.30 5.42
C LEU A 81 8.96 -1.48 4.28
N PHE A 82 10.06 -1.95 3.70
CA PHE A 82 10.61 -1.37 2.49
C PHE A 82 9.75 -1.89 1.34
N HIS A 83 9.03 -0.99 0.68
CA HIS A 83 8.10 -1.34 -0.40
C HIS A 83 7.51 -0.02 -0.91
N PRO A 84 7.33 0.09 -2.24
CA PRO A 84 6.89 1.34 -2.86
C PRO A 84 5.51 1.81 -2.39
N ASN A 85 4.64 0.87 -2.03
CA ASN A 85 3.27 1.20 -1.60
C ASN A 85 3.00 1.21 -0.09
N VAL A 86 4.06 1.09 0.70
CA VAL A 86 3.95 1.23 2.14
C VAL A 86 4.46 2.59 2.58
N TYR A 87 3.63 3.35 3.30
CA TYR A 87 4.05 4.64 3.82
C TYR A 87 5.15 4.42 4.86
N PRO A 88 5.95 5.46 5.10
CA PRO A 88 6.94 5.43 6.18
C PRO A 88 6.34 5.04 7.55
N SER A 89 5.06 5.36 7.76
CA SER A 89 4.35 4.99 8.99
C SER A 89 4.09 3.47 9.12
N GLY A 90 4.17 2.77 7.99
CA GLY A 90 3.89 1.35 7.94
C GLY A 90 2.54 1.12 7.26
N THR A 91 1.76 2.19 7.13
CA THR A 91 0.45 2.07 6.51
C THR A 91 0.54 1.52 5.07
N VAL A 92 -0.21 0.47 4.81
CA VAL A 92 -0.29 -0.15 3.49
C VAL A 92 -1.31 0.63 2.67
N CSD A 93 -1.01 0.83 1.38
CA CSD A 93 -1.85 1.60 0.49
CB CSD A 93 -1.13 2.87 0.11
SG CSD A 93 -2.16 4.30 -0.07
C CSD A 93 -2.22 0.78 -0.69
O CSD A 93 -1.39 0.57 -1.63
OD1 CSD A 93 -2.78 4.71 1.19
OD2 CSD A 93 -3.33 4.00 -0.90
N LEU A 94 -3.47 0.30 -0.71
CA LEU A 94 -3.91 -0.69 -1.68
C LEU A 94 -5.37 -0.43 -2.03
N SER A 95 -5.70 -0.50 -3.32
CA SER A 95 -7.00 -0.01 -3.78
C SER A 95 -8.22 -0.69 -3.12
N ILE A 96 -8.13 -1.98 -2.83
CA ILE A 96 -9.22 -2.65 -2.12
C ILE A 96 -9.36 -2.22 -0.65
N LEU A 97 -8.36 -1.49 -0.13
CA LEU A 97 -8.41 -0.95 1.23
C LEU A 97 -8.94 0.49 1.23
N GLU A 98 -9.35 0.94 0.06
CA GLU A 98 -9.83 2.30 -0.15
C GLU A 98 -11.32 2.23 -0.42
N GLU A 99 -12.09 2.77 0.52
CA GLU A 99 -13.54 2.71 0.43
C GLU A 99 -14.06 3.24 -0.91
N ASP A 100 -13.35 4.21 -1.46
CA ASP A 100 -13.85 4.89 -2.64
C ASP A 100 -13.44 4.22 -3.96
N LYS A 101 -12.55 3.23 -3.90
CA LYS A 101 -12.16 2.56 -5.12
C LYS A 101 -12.53 1.10 -5.20
N ASP A 102 -11.69 0.23 -4.64
CA ASP A 102 -11.96 -1.21 -4.84
C ASP A 102 -12.59 -1.94 -3.66
N TRP A 103 -12.72 -1.26 -2.52
CA TRP A 103 -13.30 -1.92 -1.36
C TRP A 103 -14.77 -2.25 -1.57
N ARG A 104 -15.14 -3.48 -1.21
CA ARG A 104 -16.53 -3.91 -1.13
C ARG A 104 -16.73 -4.56 0.25
N PRO A 105 -17.92 -4.40 0.85
CA PRO A 105 -18.12 -4.96 2.18
C PRO A 105 -17.96 -6.49 2.22
N ALA A 106 -18.16 -7.15 1.08
CA ALA A 106 -18.07 -8.61 0.99
C ALA A 106 -16.62 -9.08 1.01
N ILE A 107 -15.68 -8.16 0.86
CA ILE A 107 -14.26 -8.51 0.97
C ILE A 107 -13.97 -8.82 2.45
N THR A 108 -13.42 -10.01 2.70
CA THR A 108 -13.13 -10.43 4.07
C THR A 108 -11.68 -10.17 4.47
N ILE A 109 -11.42 -10.41 5.76
CA ILE A 109 -10.09 -10.29 6.34
C ILE A 109 -9.11 -11.22 5.63
N LYS A 110 -9.56 -12.43 5.28
CA LYS A 110 -8.75 -13.36 4.47
C LYS A 110 -8.30 -12.72 3.17
N GLN A 111 -9.26 -12.16 2.43
CA GLN A 111 -8.95 -11.53 1.16
C GLN A 111 -8.05 -10.33 1.36
N ILE A 112 -8.30 -9.56 2.43
CA ILE A 112 -7.41 -8.45 2.72
C ILE A 112 -5.97 -8.94 2.90
N LEU A 113 -5.80 -10.04 3.63
CA LEU A 113 -4.47 -10.56 3.90
C LEU A 113 -3.83 -11.17 2.66
N LEU A 114 -4.62 -11.91 1.90
CA LEU A 114 -4.17 -12.42 0.60
C LEU A 114 -3.84 -11.28 -0.38
N GLY A 115 -4.63 -10.21 -0.37
CA GLY A 115 -4.35 -9.02 -1.14
C GLY A 115 -3.07 -8.31 -0.74
N ILE A 116 -2.88 -8.05 0.55
CA ILE A 116 -1.64 -7.42 0.97
C ILE A 116 -0.46 -8.29 0.53
N GLN A 117 -0.62 -9.61 0.62
CA GLN A 117 0.39 -10.52 0.09
C GLN A 117 0.68 -10.30 -1.40
N GLU A 118 -0.37 -10.31 -2.22
CA GLU A 118 -0.24 -10.09 -3.67
C GLU A 118 0.50 -8.77 -3.95
N LEU A 119 0.16 -7.74 -3.18
CA LEU A 119 0.79 -6.43 -3.34
C LEU A 119 2.31 -6.45 -3.16
N LEU A 120 2.81 -7.35 -2.31
CA LEU A 120 4.22 -7.36 -1.95
C LEU A 120 5.15 -7.46 -3.15
N ASN A 121 4.86 -8.40 -4.03
CA ASN A 121 5.69 -8.61 -5.21
C ASN A 121 5.14 -7.89 -6.45
N GLU A 122 4.04 -7.17 -6.30
CA GLU A 122 3.48 -6.40 -7.42
C GLU A 122 3.20 -4.95 -7.07
N PRO A 123 4.26 -4.17 -6.83
CA PRO A 123 4.09 -2.73 -6.57
C PRO A 123 3.46 -1.98 -7.74
N ASN A 124 2.84 -0.86 -7.42
CA ASN A 124 2.48 0.12 -8.42
C ASN A 124 3.47 1.26 -8.22
N ILE A 125 4.41 1.44 -9.14
CA ILE A 125 5.40 2.49 -8.91
C ILE A 125 5.02 3.83 -9.50
N GLN A 126 3.90 3.90 -10.21
CA GLN A 126 3.41 5.19 -10.66
C GLN A 126 3.04 6.04 -9.45
N ASP A 127 2.52 5.39 -8.40
CA ASP A 127 2.14 6.11 -7.18
C ASP A 127 2.76 5.48 -5.95
N PRO A 128 4.03 5.79 -5.68
CA PRO A 128 4.68 5.30 -4.46
C PRO A 128 4.18 6.00 -3.18
N ALA A 129 4.12 5.26 -2.07
CA ALA A 129 3.79 5.84 -0.77
C ALA A 129 5.06 6.30 -0.04
N GLN A 130 6.22 5.90 -0.55
CA GLN A 130 7.49 6.25 0.06
C GLN A 130 8.57 6.55 -1.00
N ALA A 131 9.48 7.46 -0.67
CA ALA A 131 10.55 7.82 -1.59
C ALA A 131 11.64 6.76 -1.69
N GLU A 132 12.07 6.25 -0.52
CA GLU A 132 13.21 5.34 -0.43
C GLU A 132 13.13 4.10 -1.33
N ALA A 133 12.02 3.38 -1.28
CA ALA A 133 11.88 2.17 -2.09
C ALA A 133 11.57 2.46 -3.57
N TYR A 134 10.88 3.57 -3.82
CA TYR A 134 10.65 4.03 -5.19
C TYR A 134 11.98 4.30 -5.88
N THR A 135 12.84 5.04 -5.17
CA THR A 135 14.15 5.43 -5.67
C THR A 135 14.97 4.20 -6.07
N ILE A 136 15.18 3.26 -5.14
CA ILE A 136 15.97 2.06 -5.41
C ILE A 136 15.39 1.22 -6.56
N TYR A 137 14.08 1.09 -6.59
CA TYR A 137 13.41 0.25 -7.58
C TYR A 137 13.69 0.81 -8.98
N CSD A 138 13.66 2.14 -9.07
CA CSD A 138 13.70 2.82 -10.34
CB CSD A 138 12.80 4.01 -10.27
SG CSD A 138 11.18 3.80 -11.01
C CSD A 138 15.13 3.02 -10.76
O CSD A 138 15.46 2.83 -11.96
OD1 CSD A 138 11.14 4.51 -12.30
OD2 CSD A 138 11.03 2.49 -11.60
N GLN A 139 16.00 3.38 -9.81
CA GLN A 139 17.45 3.41 -10.00
C GLN A 139 18.06 2.06 -10.40
N ASN A 140 18.10 1.07 -9.50
CA ASN A 140 18.59 -0.28 -9.86
C ASN A 140 17.73 -1.44 -9.33
N ARG A 141 17.09 -2.13 -10.27
CA ARG A 141 16.08 -3.12 -9.93
C ARG A 141 16.67 -4.34 -9.23
N VAL A 142 17.89 -4.73 -9.63
CA VAL A 142 18.59 -5.85 -9.01
C VAL A 142 18.95 -5.53 -7.54
N GLU A 143 19.41 -4.30 -7.31
CA GLU A 143 19.64 -3.79 -5.97
C GLU A 143 18.35 -3.75 -5.16
N TYR A 144 17.25 -3.45 -5.82
CA TYR A 144 15.96 -3.45 -5.16
C TYR A 144 15.64 -4.84 -4.61
N GLU A 145 15.72 -5.87 -5.46
CA GLU A 145 15.43 -7.24 -5.04
C GLU A 145 16.40 -7.73 -3.97
N LYS A 146 17.67 -7.34 -4.10
CA LYS A 146 18.67 -7.65 -3.08
C LYS A 146 18.21 -7.17 -1.69
N ARG A 147 17.79 -5.91 -1.61
CA ARG A 147 17.21 -5.33 -0.39
C ARG A 147 15.99 -6.10 0.14
N VAL A 148 15.10 -6.50 -0.77
CA VAL A 148 13.92 -7.28 -0.42
C VAL A 148 14.30 -8.66 0.15
N ARG A 149 15.24 -9.33 -0.51
CA ARG A 149 15.76 -10.60 0.00
C ARG A 149 16.32 -10.44 1.41
N ALA A 150 17.10 -9.39 1.62
CA ALA A 150 17.67 -9.13 2.93
C ALA A 150 16.60 -8.91 4.01
N GLN A 151 15.57 -8.15 3.66
CA GLN A 151 14.47 -7.86 4.58
C GLN A 151 13.66 -9.12 4.92
N ALA A 152 13.39 -9.93 3.89
CA ALA A 152 12.75 -11.22 4.09
C ALA A 152 13.54 -12.10 5.06
N LYS A 153 14.86 -12.08 4.95
CA LYS A 153 15.69 -12.93 5.79
C LYS A 153 15.62 -12.45 7.24
N LYS A 154 15.59 -11.14 7.41
CA LYS A 154 15.57 -10.51 8.72
C LYS A 154 14.27 -10.85 9.47
N PHE A 155 13.16 -10.89 8.73
CA PHE A 155 11.86 -11.24 9.28
C PHE A 155 11.48 -12.69 9.09
N ALA A 156 12.45 -13.49 8.65
CA ALA A 156 12.25 -14.94 8.64
C ALA A 156 12.00 -15.38 10.07
N PRO A 157 11.08 -16.34 10.24
CA PRO A 157 10.81 -16.75 11.63
C PRO A 157 11.81 -17.61 12.39
N SER A 158 12.01 -17.13 13.61
CA SER A 158 11.98 -17.93 14.85
C SER A 158 12.25 -16.95 15.99
N ASN B 2 -15.88 -30.53 -28.10
CA ASN B 2 -17.21 -30.76 -28.68
C ASN B 2 -17.94 -31.92 -27.99
N ASP B 3 -17.18 -32.72 -27.24
CA ASP B 3 -17.76 -33.44 -26.10
C ASP B 3 -17.70 -32.42 -24.97
N HIS B 4 -18.16 -32.79 -23.77
CA HIS B 4 -18.25 -31.79 -22.73
C HIS B 4 -17.29 -31.99 -21.56
N ILE B 5 -16.72 -30.88 -21.09
CA ILE B 5 -15.97 -30.86 -19.83
C ILE B 5 -16.68 -30.07 -18.74
N ASN B 6 -16.50 -30.51 -17.50
CA ASN B 6 -16.88 -29.73 -16.33
C ASN B 6 -15.68 -28.89 -15.87
N LEU B 7 -15.82 -27.58 -15.92
CA LEU B 7 -14.81 -26.67 -15.39
C LEU B 7 -15.38 -25.98 -14.15
N LYS B 8 -14.60 -25.94 -13.08
CA LYS B 8 -15.01 -25.17 -11.89
C LYS B 8 -14.36 -23.78 -11.90
N VAL B 9 -15.13 -22.75 -11.54
CA VAL B 9 -14.54 -21.44 -11.33
C VAL B 9 -14.58 -21.13 -9.85
N ALA B 10 -13.38 -20.98 -9.28
CA ALA B 10 -13.20 -20.81 -7.83
C ALA B 10 -12.82 -19.38 -7.54
N GLY B 11 -13.73 -18.67 -6.88
CA GLY B 11 -13.55 -17.27 -6.54
C GLY B 11 -12.83 -17.10 -5.22
N GLN B 12 -12.18 -15.93 -5.08
CA GLN B 12 -11.45 -15.56 -3.89
C GLN B 12 -12.38 -15.50 -2.66
N ASP B 13 -13.67 -15.32 -2.90
CA ASP B 13 -14.66 -15.25 -1.83
C ASP B 13 -15.15 -16.65 -1.41
N GLY B 14 -14.58 -17.69 -2.02
CA GLY B 14 -14.90 -19.05 -1.63
C GLY B 14 -15.93 -19.76 -2.51
N SER B 15 -16.68 -18.98 -3.28
CA SER B 15 -17.67 -19.53 -4.21
C SER B 15 -17.06 -20.43 -5.28
N VAL B 16 -17.85 -21.39 -5.73
CA VAL B 16 -17.47 -22.22 -6.86
C VAL B 16 -18.66 -22.45 -7.79
N VAL B 17 -18.44 -22.16 -9.06
CA VAL B 17 -19.44 -22.28 -10.11
C VAL B 17 -18.90 -23.24 -11.18
N GLN B 18 -19.61 -24.35 -11.38
CA GLN B 18 -19.18 -25.39 -12.31
C GLN B 18 -19.92 -25.21 -13.63
N PHE B 19 -19.16 -25.14 -14.71
CA PHE B 19 -19.74 -25.02 -16.04
C PHE B 19 -19.55 -26.30 -16.84
N LYS B 20 -20.59 -26.70 -17.59
CA LYS B 20 -20.43 -27.71 -18.64
C LYS B 20 -20.15 -26.93 -19.93
N ILE B 21 -18.99 -27.16 -20.53
CA ILE B 21 -18.59 -26.37 -21.70
C ILE B 21 -18.01 -27.25 -22.80
N LYS B 22 -18.33 -26.93 -24.05
CA LYS B 22 -17.76 -27.65 -25.19
C LYS B 22 -16.28 -27.31 -25.31
N ARG B 23 -15.45 -28.36 -25.46
CA ARG B 23 -14.00 -28.24 -25.52
C ARG B 23 -13.49 -27.24 -26.56
N HIS B 24 -14.24 -27.00 -27.64
CA HIS B 24 -13.78 -26.08 -28.67
C HIS B 24 -14.35 -24.68 -28.53
N THR B 25 -15.15 -24.48 -27.48
CA THR B 25 -15.72 -23.17 -27.17
C THR B 25 -14.71 -22.28 -26.48
N PRO B 26 -14.52 -21.04 -26.97
CA PRO B 26 -13.58 -20.11 -26.35
C PRO B 26 -14.05 -19.73 -24.94
N LEU B 27 -13.14 -19.35 -24.04
CA LEU B 27 -13.52 -19.17 -22.64
C LEU B 27 -14.21 -17.84 -22.38
N SER B 28 -14.09 -16.92 -23.34
CA SER B 28 -14.81 -15.64 -23.28
C SER B 28 -16.30 -15.83 -23.01
N LYS B 29 -16.86 -16.91 -23.52
CA LYS B 29 -18.26 -17.27 -23.23
C LYS B 29 -18.46 -17.58 -21.74
N LEU B 30 -17.56 -18.39 -21.18
CA LEU B 30 -17.67 -18.82 -19.79
C LEU B 30 -17.34 -17.66 -18.85
N MET B 31 -16.38 -16.83 -19.25
CA MET B 31 -16.03 -15.65 -18.47
C MET B 31 -17.21 -14.70 -18.34
N LYS B 32 -17.88 -14.42 -19.47
CA LYS B 32 -19.07 -13.58 -19.48
C LYS B 32 -20.17 -14.15 -18.59
N ALA B 33 -20.45 -15.45 -18.75
CA ALA B 33 -21.45 -16.09 -17.90
C ALA B 33 -21.05 -16.08 -16.42
N TYR B 34 -19.76 -16.09 -16.12
CA TYR B 34 -19.32 -16.08 -14.72
C TYR B 34 -19.51 -14.69 -14.12
N CYS B 35 -19.10 -13.67 -14.85
CA CYS B 35 -19.39 -12.28 -14.50
C CYS B 35 -20.89 -11.98 -14.38
N GLU B 36 -21.69 -12.43 -15.33
CA GLU B 36 -23.14 -12.23 -15.21
C GLU B 36 -23.68 -12.90 -13.94
N ARG B 37 -23.31 -14.15 -13.73
CA ARG B 37 -23.78 -14.87 -12.56
C ARG B 37 -23.37 -14.16 -11.27
N GLN B 38 -22.10 -13.78 -11.17
CA GLN B 38 -21.53 -13.27 -9.93
C GLN B 38 -21.72 -11.77 -9.77
N GLY B 39 -22.08 -11.09 -10.85
CA GLY B 39 -22.29 -9.65 -10.82
C GLY B 39 -21.00 -8.82 -10.71
N LEU B 40 -20.04 -9.15 -11.56
CA LEU B 40 -18.78 -8.42 -11.63
C LEU B 40 -18.59 -7.96 -13.06
N SER B 41 -17.51 -7.24 -13.32
CA SER B 41 -17.18 -6.86 -14.70
C SER B 41 -15.86 -7.49 -15.08
N MET B 42 -15.73 -7.92 -16.34
CA MET B 42 -14.59 -8.73 -16.76
C MET B 42 -13.26 -8.00 -16.67
N ARG B 43 -13.32 -6.68 -16.61
CA ARG B 43 -12.12 -5.86 -16.37
C ARG B 43 -11.86 -5.67 -14.89
N GLN B 44 -12.89 -5.87 -14.08
CA GLN B 44 -12.77 -5.67 -12.64
C GLN B 44 -12.12 -6.91 -11.99
N ILE B 45 -11.95 -7.98 -12.77
CA ILE B 45 -11.31 -9.22 -12.31
C ILE B 45 -10.46 -9.89 -13.39
N ARG B 46 -9.74 -10.95 -13.02
CA ARG B 46 -8.96 -11.72 -13.99
C ARG B 46 -9.03 -13.25 -13.76
N PHE B 47 -8.92 -14.00 -14.85
CA PHE B 47 -9.06 -15.45 -14.81
C PHE B 47 -7.71 -16.11 -15.04
N ARG B 48 -7.45 -17.20 -14.31
CA ARG B 48 -6.18 -17.90 -14.39
C ARG B 48 -6.35 -19.41 -14.33
N PHE B 49 -5.68 -20.11 -15.25
CA PHE B 49 -5.57 -21.57 -15.18
C PHE B 49 -4.09 -21.94 -15.26
N ASP B 50 -3.69 -22.91 -14.45
CA ASP B 50 -2.31 -23.39 -14.43
C ASP B 50 -1.40 -22.22 -14.04
N GLY B 51 -1.94 -21.31 -13.24
CA GLY B 51 -1.23 -20.12 -12.85
C GLY B 51 -1.01 -19.12 -13.98
N GLN B 52 -1.33 -19.52 -15.20
CA GLN B 52 -1.23 -18.59 -16.33
C GLN B 52 -2.54 -17.88 -16.63
N PRO B 53 -2.48 -16.58 -16.94
CA PRO B 53 -3.66 -15.78 -17.28
C PRO B 53 -4.31 -16.28 -18.56
N ILE B 54 -5.64 -16.32 -18.56
CA ILE B 54 -6.40 -16.88 -19.68
C ILE B 54 -6.88 -15.76 -20.60
N ASN B 55 -6.68 -15.93 -21.90
CA ASN B 55 -7.28 -15.04 -22.89
C ASN B 55 -8.75 -15.39 -23.14
N GLU B 56 -9.49 -14.41 -23.65
CA GLU B 56 -10.84 -14.67 -24.10
C GLU B 56 -10.82 -15.72 -25.22
N THR B 57 -9.83 -15.55 -26.10
CA THR B 57 -9.62 -16.43 -27.26
C THR B 57 -9.42 -17.90 -26.92
N ASP B 58 -8.76 -18.16 -25.80
CA ASP B 58 -8.30 -19.50 -25.45
C ASP B 58 -9.44 -20.52 -25.37
N THR B 59 -9.11 -21.75 -25.72
CA THR B 59 -10.05 -22.85 -25.76
C THR B 59 -9.55 -23.89 -24.77
N PRO B 60 -10.45 -24.64 -24.11
CA PRO B 60 -10.05 -25.61 -23.09
C PRO B 60 -9.07 -26.67 -23.61
N ALA B 61 -9.32 -27.18 -24.82
CA ALA B 61 -8.40 -28.12 -25.46
C ALA B 61 -7.09 -27.41 -25.81
N GLN B 62 -7.21 -26.22 -26.40
CA GLN B 62 -6.06 -25.37 -26.72
C GLN B 62 -5.21 -25.05 -25.46
N LEU B 63 -5.87 -25.00 -24.29
CA LEU B 63 -5.19 -24.84 -23.02
C LEU B 63 -4.96 -26.18 -22.34
N GLU B 64 -5.29 -27.25 -23.04
CA GLU B 64 -5.09 -28.62 -22.54
C GLU B 64 -5.77 -28.84 -21.19
N MET B 65 -7.04 -28.48 -21.12
CA MET B 65 -7.81 -28.66 -19.90
C MET B 65 -8.32 -30.08 -19.79
N GLU B 66 -9.05 -30.34 -18.71
CA GLU B 66 -9.63 -31.65 -18.43
C GLU B 66 -10.89 -31.48 -17.59
N ASP B 67 -11.53 -32.60 -17.26
CA ASP B 67 -12.69 -32.59 -16.38
C ASP B 67 -12.30 -32.24 -14.94
N GLU B 68 -13.12 -31.40 -14.30
CA GLU B 68 -12.88 -30.95 -12.93
C GLU B 68 -11.64 -30.04 -12.74
N ASP B 69 -10.92 -29.77 -13.83
CA ASP B 69 -9.88 -28.72 -13.84
C ASP B 69 -10.47 -27.38 -13.39
N THR B 70 -9.82 -26.73 -12.42
CA THR B 70 -10.37 -25.54 -11.81
C THR B 70 -9.74 -24.27 -12.38
N ILE B 71 -10.58 -23.27 -12.64
CA ILE B 71 -10.11 -21.93 -13.05
C ILE B 71 -10.17 -21.02 -11.82
N ASP B 72 -9.13 -20.23 -11.60
CA ASP B 72 -9.12 -19.32 -10.46
C ASP B 72 -9.44 -17.88 -10.87
N VAL B 73 -10.34 -17.22 -10.14
CA VAL B 73 -10.60 -15.81 -10.38
C VAL B 73 -9.86 -14.94 -9.37
N PHE B 74 -9.43 -13.77 -9.83
CA PHE B 74 -8.80 -12.82 -8.93
C PHE B 74 -9.40 -11.43 -9.04
N GLN B 75 -9.65 -10.84 -7.86
CA GLN B 75 -10.04 -9.44 -7.74
C GLN B 75 -8.87 -8.57 -8.21
N GLN B 76 -9.18 -7.61 -9.08
CA GLN B 76 -8.17 -6.65 -9.50
C GLN B 76 -7.84 -5.74 -8.34
N GLN B 77 -6.56 -5.40 -8.21
CA GLN B 77 -6.14 -4.48 -7.17
C GLN B 77 -4.87 -3.82 -7.63
N THR B 78 -4.60 -2.65 -7.07
CA THR B 78 -3.37 -1.92 -7.38
C THR B 78 -2.94 -1.16 -6.13
N GLY B 79 -1.64 -1.20 -5.86
CA GLY B 79 -1.09 -0.41 -4.77
C GLY B 79 -1.18 1.09 -5.08
N GLY B 80 -0.91 1.92 -4.09
CA GLY B 80 -0.92 3.35 -4.31
C GLY B 80 -0.04 4.10 -3.32
N ALA C 16 6.38 39.44 15.75
CA ALA C 16 7.57 40.22 15.42
C ALA C 16 7.59 40.65 13.94
N ASP C 17 8.78 40.93 13.45
CA ASP C 17 8.96 41.29 12.05
C ASP C 17 8.95 40.03 11.18
N VAL C 18 9.66 39.00 11.66
CA VAL C 18 9.74 37.72 10.96
C VAL C 18 8.38 37.03 10.91
N SER C 19 7.68 37.05 12.04
CA SER C 19 6.42 36.31 12.16
C SER C 19 5.37 36.76 11.15
N THR C 20 5.44 38.03 10.73
CA THR C 20 4.52 38.55 9.72
C THR C 20 4.98 38.19 8.31
N PHE C 21 6.30 38.14 8.12
CA PHE C 21 6.86 37.75 6.83
C PHE C 21 6.62 36.28 6.55
N LEU C 22 6.74 35.44 7.59
CA LEU C 22 6.49 34.03 7.43
C LEU C 22 4.99 33.79 7.20
N ALA C 23 4.15 34.45 8.00
CA ALA C 23 2.71 34.29 7.88
C ALA C 23 2.16 34.75 6.51
N PHE C 24 2.77 35.80 5.95
CA PHE C 24 2.40 36.26 4.61
C PHE C 24 3.63 36.66 3.79
N PRO C 25 4.30 35.67 3.21
CA PRO C 25 5.56 35.94 2.49
C PRO C 25 5.32 36.82 1.28
N SER C 26 6.24 37.77 1.13
CA SER C 26 6.33 38.65 -0.02
C SER C 26 7.83 38.86 -0.22
N PRO C 27 8.27 39.09 -1.46
CA PRO C 27 9.71 39.32 -1.69
C PRO C 27 10.19 40.60 -1.02
N GLU C 28 9.29 41.58 -0.92
CA GLU C 28 9.61 42.86 -0.30
C GLU C 28 9.83 42.74 1.21
N LYS C 29 8.94 42.02 1.89
CA LYS C 29 9.08 41.79 3.32
C LYS C 29 10.38 41.06 3.68
N LEU C 30 10.96 40.32 2.72
CA LEU C 30 12.20 39.59 2.95
C LEU C 30 13.38 40.56 3.07
N LEU C 31 13.43 41.53 2.18
CA LEU C 31 14.48 42.53 2.23
C LEU C 31 14.28 43.43 3.44
N ARG C 32 13.03 43.85 3.66
CA ARG C 32 12.70 44.75 4.75
C ARG C 32 12.96 44.18 6.16
N LEU C 33 13.33 42.90 6.23
CA LEU C 33 13.80 42.32 7.49
C LEU C 33 15.19 42.89 7.78
N GLY C 34 15.90 43.28 6.73
CA GLY C 34 17.25 43.77 6.87
C GLY C 34 18.24 42.69 6.50
N PRO C 35 19.54 43.01 6.59
CA PRO C 35 20.68 42.12 6.27
C PRO C 35 20.84 40.98 7.27
N LYS C 36 20.13 41.07 8.39
CA LYS C 36 20.18 40.02 9.42
C LYS C 36 19.13 38.92 9.20
N SER C 37 18.37 39.02 8.11
CA SER C 37 17.19 38.17 7.85
C SER C 37 17.44 36.65 7.83
N SER C 38 18.58 36.24 7.27
CA SER C 38 18.95 34.83 7.24
C SER C 38 18.94 34.25 8.65
N VAL C 39 19.80 34.79 9.51
CA VAL C 39 19.86 34.38 10.91
C VAL C 39 18.53 34.57 11.63
N LEU C 40 17.85 35.67 11.35
CA LEU C 40 16.60 36.00 12.02
C LEU C 40 15.53 34.93 11.84
N ILE C 41 15.41 34.43 10.61
CA ILE C 41 14.46 33.38 10.26
C ILE C 41 14.94 32.02 10.75
N ALA C 42 16.23 31.73 10.55
CA ALA C 42 16.82 30.50 11.07
C ALA C 42 16.65 30.38 12.59
N GLN C 43 16.81 31.50 13.30
CA GLN C 43 16.63 31.50 14.75
C GLN C 43 15.19 31.19 15.11
N GLN C 44 14.28 31.83 14.38
CA GLN C 44 12.84 31.81 14.66
C GLN C 44 12.13 30.47 14.41
N THR C 45 12.84 29.52 13.79
CA THR C 45 12.23 28.23 13.47
C THR C 45 12.80 27.10 14.32
N ASP C 46 12.00 26.05 14.51
CA ASP C 46 12.45 24.85 15.19
C ASP C 46 13.25 24.06 14.15
N THR C 47 14.55 23.92 14.39
CA THR C 47 15.44 23.28 13.43
C THR C 47 15.64 21.79 13.76
N SER C 48 14.93 21.33 14.79
CA SER C 48 14.91 19.92 15.16
C SER C 48 13.66 19.25 14.60
N ASP C 49 12.82 20.05 13.93
CA ASP C 49 11.57 19.55 13.36
C ASP C 49 11.64 19.64 11.85
N PRO C 50 11.71 18.48 11.18
CA PRO C 50 11.78 18.40 9.71
C PRO C 50 10.62 19.11 9.01
N GLU C 51 9.40 18.88 9.49
CA GLU C 51 8.20 19.48 8.89
C GLU C 51 8.16 21.03 9.02
N LYS C 52 8.50 21.52 10.22
CA LYS C 52 8.56 22.96 10.51
C LYS C 52 9.68 23.63 9.72
N VAL C 53 10.76 22.89 9.48
CA VAL C 53 11.82 23.32 8.56
C VAL C 53 11.30 23.35 7.11
N VAL C 54 10.56 22.30 6.70
CA VAL C 54 9.93 22.29 5.37
C VAL C 54 8.99 23.49 5.19
N SER C 55 8.14 23.75 6.19
CA SER C 55 7.23 24.90 6.11
C SER C 55 7.96 26.23 5.91
N ALA C 56 9.07 26.40 6.63
CA ALA C 56 9.87 27.61 6.54
C ALA C 56 10.58 27.68 5.20
N PHE C 57 11.18 26.56 4.78
CA PHE C 57 11.92 26.51 3.54
C PHE C 57 11.04 26.93 2.35
N LEU C 58 9.79 26.52 2.36
CA LEU C 58 8.92 26.79 1.23
C LEU C 58 8.44 28.23 1.23
N LYS C 59 8.22 28.78 2.42
CA LYS C 59 7.80 30.16 2.58
C LYS C 59 8.87 31.12 2.04
N VAL C 60 10.12 30.89 2.45
CA VAL C 60 11.26 31.61 1.91
C VAL C 60 11.39 31.36 0.41
N SER C 61 11.12 30.14 0.01
CA SER C 61 11.20 29.75 -1.39
C SER C 61 10.18 30.50 -2.24
N SER C 62 9.04 30.80 -1.63
CA SER C 62 7.90 31.26 -2.41
C SER C 62 8.14 32.66 -2.97
N VAL C 63 9.06 33.40 -2.35
CA VAL C 63 9.29 34.80 -2.71
C VAL C 63 10.43 34.98 -3.71
N PHE C 64 11.03 33.88 -4.14
CA PHE C 64 12.18 33.91 -5.06
C PHE C 64 11.92 34.61 -6.42
N LYS C 65 12.81 35.58 -6.72
CA LYS C 65 12.96 36.19 -8.05
C LYS C 65 14.44 36.04 -8.44
N ASP C 66 14.74 35.95 -9.73
CA ASP C 66 16.15 35.83 -10.18
C ASP C 66 16.84 37.19 -10.29
N GLU C 67 16.09 38.23 -9.95
CA GLU C 67 16.65 39.54 -9.66
C GLU C 67 17.58 39.40 -8.42
N ALA C 68 18.83 39.83 -8.55
CA ALA C 68 19.90 39.44 -7.61
C ALA C 68 19.72 39.73 -6.11
N THR C 69 19.18 40.89 -5.75
CA THR C 69 19.04 41.24 -4.32
C THR C 69 17.94 40.44 -3.59
N VAL C 70 16.96 39.95 -4.33
CA VAL C 70 15.98 38.99 -3.78
C VAL C 70 16.53 37.56 -3.81
N ARG C 71 17.19 37.22 -4.91
CA ARG C 71 17.83 35.92 -5.11
C ARG C 71 18.82 35.57 -4.00
N MET C 72 19.89 36.37 -3.89
CA MET C 72 20.92 36.17 -2.87
C MET C 72 20.36 36.20 -1.45
N ALA C 73 19.28 36.95 -1.22
CA ALA C 73 18.67 37.03 0.11
C ALA C 73 17.88 35.75 0.46
N VAL C 74 17.24 35.15 -0.55
CA VAL C 74 16.59 33.87 -0.36
C VAL C 74 17.64 32.79 -0.16
N GLN C 75 18.65 32.76 -1.03
CA GLN C 75 19.74 31.80 -0.91
C GLN C 75 20.43 31.80 0.47
N ASP C 76 20.57 32.99 1.05
CA ASP C 76 21.23 33.12 2.35
C ASP C 76 20.33 32.71 3.51
N ALA C 77 19.03 32.92 3.38
CA ALA C 77 18.08 32.46 4.40
C ALA C 77 17.98 30.92 4.37
N VAL C 78 18.01 30.35 3.17
CA VAL C 78 18.00 28.91 2.99
C VAL C 78 19.25 28.29 3.60
N ASP C 79 20.39 28.89 3.28
CA ASP C 79 21.66 28.41 3.82
C ASP C 79 21.72 28.53 5.33
N ALA C 80 21.04 29.54 5.88
CA ALA C 80 21.03 29.74 7.32
C ALA C 80 20.13 28.70 7.97
N LEU C 81 18.96 28.51 7.35
CA LEU C 81 17.97 27.56 7.83
C LEU C 81 18.48 26.12 7.76
N MET C 82 19.02 25.73 6.62
CA MET C 82 19.42 24.35 6.40
C MET C 82 20.66 23.94 7.16
N GLN C 83 21.66 24.81 7.24
CA GLN C 83 22.88 24.48 7.97
C GLN C 83 22.60 24.29 9.47
N LYS C 84 21.67 25.06 10.02
CA LYS C 84 21.27 24.90 11.42
C LYS C 84 20.47 23.61 11.59
N ALA C 85 19.71 23.27 10.55
CA ALA C 85 18.91 22.05 10.56
C ALA C 85 19.74 20.79 10.31
N PHE C 86 20.58 20.80 9.28
CA PHE C 86 21.37 19.62 8.93
C PHE C 86 22.51 19.29 9.90
N ASN C 87 22.83 20.19 10.83
CA ASN C 87 23.80 19.84 11.86
C ASN C 87 23.18 19.44 13.20
N SER C 88 21.86 19.54 13.27
CA SER C 88 21.13 19.18 14.48
C SER C 88 20.95 17.65 14.51
N SER C 89 21.23 17.03 15.66
CA SER C 89 21.18 15.58 15.77
C SER C 89 19.73 15.07 15.85
N SER C 90 18.83 15.93 16.33
CA SER C 90 17.41 15.58 16.47
C SER C 90 16.66 15.80 15.14
N PHE C 91 17.41 16.23 14.13
CA PHE C 91 16.84 16.46 12.81
C PHE C 91 17.09 15.28 11.88
N ASN C 92 15.98 14.68 11.42
CA ASN C 92 16.04 13.58 10.48
C ASN C 92 15.97 14.10 9.03
N SER C 93 17.06 13.91 8.31
CA SER C 93 17.20 14.43 6.95
C SER C 93 16.21 13.75 5.99
N ASN C 94 16.04 12.44 6.13
CA ASN C 94 15.18 11.68 5.23
C ASN C 94 13.71 12.02 5.40
N THR C 95 13.35 12.39 6.62
CA THR C 95 11.97 12.71 6.94
C THR C 95 11.69 14.10 6.38
N PHE C 96 12.72 14.96 6.43
CA PHE C 96 12.64 16.28 5.84
C PHE C 96 12.37 16.21 4.34
N LEU C 97 13.22 15.47 3.61
CA LEU C 97 13.05 15.33 2.18
C LEU C 97 11.70 14.72 1.81
N THR C 98 11.22 13.78 2.63
CA THR C 98 9.93 13.15 2.35
C THR C 98 8.80 14.17 2.45
N ARG C 99 8.82 14.96 3.54
CA ARG C 99 7.82 16.00 3.76
C ARG C 99 7.91 17.14 2.74
N LEU C 100 9.12 17.39 2.23
CA LEU C 100 9.33 18.35 1.16
C LEU C 100 8.62 17.92 -0.13
N LEU C 101 8.85 16.66 -0.53
CA LEU C 101 8.20 16.12 -1.71
C LEU C 101 6.70 16.09 -1.53
N VAL C 102 6.26 15.89 -0.29
CA VAL C 102 4.84 15.90 -0.03
C VAL C 102 4.31 17.32 -0.26
N HIS C 103 4.91 18.30 0.38
CA HIS C 103 4.45 19.68 0.23
C HIS C 103 4.56 20.26 -1.20
N MET C 104 5.53 19.79 -1.97
CA MET C 104 5.60 20.18 -3.37
C MET C 104 4.68 19.36 -4.26
N GLY C 105 3.88 18.49 -3.64
CA GLY C 105 2.92 17.66 -4.36
C GLY C 105 3.55 16.68 -5.33
N LEU C 106 4.76 16.21 -5.00
CA LEU C 106 5.39 15.18 -5.83
C LEU C 106 5.27 13.76 -5.26
N LEU C 107 4.74 13.64 -4.05
CA LEU C 107 4.65 12.37 -3.33
C LEU C 107 3.38 12.37 -2.52
N LYS C 108 2.64 11.27 -2.54
CA LYS C 108 1.39 11.22 -1.80
C LYS C 108 1.64 11.09 -0.28
N SER C 109 0.69 11.58 0.52
CA SER C 109 0.80 11.50 1.98
C SER C 109 -0.49 10.98 2.61
N GLU C 110 -0.39 10.54 3.86
CA GLU C 110 -1.57 10.12 4.62
C GLU C 110 -2.42 11.34 5.00
N ASP C 111 -1.75 12.38 5.45
CA ASP C 111 -2.39 13.67 5.76
C ASP C 111 -2.71 14.48 4.49
N LYS C 112 -3.74 15.33 4.58
CA LYS C 112 -4.09 16.27 3.50
C LYS C 112 -3.14 17.48 3.55
N VAL C 113 -2.52 17.82 2.42
CA VAL C 113 -1.64 19.00 2.39
C VAL C 113 -2.06 20.06 1.36
N LYS C 114 -1.72 21.32 1.65
CA LYS C 114 -2.02 22.42 0.74
C LYS C 114 -1.16 22.28 -0.50
N ALA C 115 -1.81 22.22 -1.66
CA ALA C 115 -1.10 22.21 -2.93
C ALA C 115 -0.64 23.63 -3.22
N ILE C 116 0.66 23.78 -3.45
CA ILE C 116 1.20 25.06 -3.89
C ILE C 116 1.38 25.02 -5.40
N ALA C 117 0.87 26.04 -6.09
CA ALA C 117 0.75 26.02 -7.56
C ALA C 117 2.10 26.12 -8.28
N ASN C 118 2.93 27.08 -7.89
CA ASN C 118 4.21 27.32 -8.56
C ASN C 118 5.44 26.73 -7.83
N LEU C 119 6.16 25.85 -8.52
CA LEU C 119 7.31 25.18 -7.92
C LEU C 119 8.64 25.85 -8.26
N TYR C 120 8.59 26.95 -9.00
CA TYR C 120 9.79 27.67 -9.47
C TYR C 120 10.80 28.05 -8.35
N GLY C 121 10.32 28.77 -7.34
CA GLY C 121 11.15 29.19 -6.22
C GLY C 121 11.78 28.03 -5.46
N PRO C 122 10.94 27.10 -4.95
CA PRO C 122 11.41 25.85 -4.32
C PRO C 122 12.43 25.13 -5.18
N LEU C 123 12.20 25.05 -6.48
CA LEU C 123 13.15 24.44 -7.40
C LEU C 123 14.48 25.17 -7.42
N MET C 124 14.43 26.49 -7.57
CA MET C 124 15.64 27.31 -7.65
C MET C 124 16.37 27.32 -6.32
N ALA C 125 15.60 27.36 -5.23
CA ALA C 125 16.17 27.25 -3.88
C ALA C 125 16.93 25.93 -3.72
N LEU C 126 16.26 24.83 -4.05
CA LEU C 126 16.86 23.50 -4.02
C LEU C 126 18.11 23.44 -4.88
N ASN C 127 18.07 24.11 -6.02
CA ASN C 127 19.20 24.11 -6.93
C ASN C 127 20.45 24.73 -6.28
N HIS C 128 20.23 25.80 -5.51
CA HIS C 128 21.32 26.42 -4.78
C HIS C 128 21.80 25.53 -3.63
N MET C 129 20.84 25.10 -2.82
CA MET C 129 21.10 24.35 -1.60
C MET C 129 21.79 22.99 -1.84
N VAL C 130 21.57 22.39 -3.01
CA VAL C 130 22.18 21.11 -3.35
C VAL C 130 23.67 21.28 -3.62
N GLN C 131 24.04 22.47 -4.08
CA GLN C 131 25.43 22.81 -4.33
C GLN C 131 26.21 22.97 -3.01
N GLN C 132 25.48 23.31 -1.95
CA GLN C 132 26.10 23.59 -0.66
C GLN C 132 26.75 22.38 0.00
N ASP C 133 27.78 22.65 0.81
CA ASP C 133 28.53 21.61 1.47
C ASP C 133 27.78 21.02 2.68
N TYR C 134 26.82 21.78 3.21
CA TYR C 134 26.02 21.30 4.33
C TYR C 134 25.00 20.25 3.90
N PHE C 135 24.79 20.13 2.60
CA PHE C 135 23.79 19.22 2.06
C PHE C 135 24.31 17.79 2.00
N PRO C 136 23.58 16.86 2.67
CA PRO C 136 23.91 15.43 2.65
C PRO C 136 23.78 14.84 1.24
N LYS C 137 24.85 14.22 0.74
CA LYS C 137 24.87 13.75 -0.64
C LYS C 137 23.95 12.55 -0.79
N ALA C 138 23.62 11.94 0.35
CA ALA C 138 22.71 10.81 0.44
C ALA C 138 21.29 11.14 -0.03
N LEU C 139 20.80 12.34 0.27
CA LEU C 139 19.46 12.75 -0.14
C LEU C 139 19.37 13.06 -1.64
N ALA C 140 20.52 13.15 -2.32
CA ALA C 140 20.54 13.49 -3.74
C ALA C 140 19.76 12.54 -4.68
N PRO C 141 20.05 11.22 -4.63
CA PRO C 141 19.35 10.35 -5.60
C PRO C 141 17.84 10.23 -5.32
N LEU C 142 17.43 10.50 -4.07
CA LEU C 142 16.01 10.53 -3.73
C LEU C 142 15.36 11.67 -4.48
N LEU C 143 15.99 12.84 -4.41
CA LEU C 143 15.56 14.03 -5.17
C LEU C 143 15.56 13.79 -6.67
N LEU C 144 16.66 13.25 -7.16
CA LEU C 144 16.80 12.90 -8.57
C LEU C 144 15.57 12.12 -9.05
N ALA C 145 15.12 11.17 -8.23
CA ALA C 145 14.05 10.25 -8.60
C ALA C 145 12.68 10.94 -8.69
N PHE C 146 12.44 11.89 -7.78
CA PHE C 146 11.18 12.62 -7.78
C PHE C 146 11.11 13.90 -8.61
N VAL C 147 12.27 14.43 -9.02
CA VAL C 147 12.30 15.52 -9.99
C VAL C 147 12.16 14.97 -11.41
N THR C 148 12.84 13.84 -11.67
CA THR C 148 12.71 13.17 -12.96
C THR C 148 11.30 12.63 -13.19
N LYS C 149 10.57 12.39 -12.10
CA LYS C 149 9.24 11.78 -12.18
C LYS C 149 8.18 12.79 -12.68
N PRO C 150 7.39 12.40 -13.69
CA PRO C 150 6.39 13.28 -14.34
C PRO C 150 5.47 13.98 -13.35
N ASN C 151 5.36 15.30 -13.47
CA ASN C 151 4.46 16.08 -12.64
C ASN C 151 4.07 17.35 -13.39
N SER C 152 2.82 17.78 -13.27
CA SER C 152 2.35 18.99 -13.93
C SER C 152 3.14 20.25 -13.53
N ALA C 153 3.18 20.53 -12.23
CA ALA C 153 3.85 21.72 -11.71
C ALA C 153 5.37 21.71 -11.94
N LEU C 154 5.95 20.53 -12.12
CA LEU C 154 7.34 20.40 -12.51
C LEU C 154 7.51 20.69 -14.00
N GLU C 155 6.52 20.31 -14.80
CA GLU C 155 6.52 20.65 -16.21
C GLU C 155 6.27 22.17 -16.39
N SER C 156 5.49 22.75 -15.47
CA SER C 156 5.18 24.20 -15.48
C SER C 156 6.40 25.12 -15.47
N CYS C 157 7.39 24.80 -14.63
CA CYS C 157 8.67 25.45 -14.77
C CYS C 157 9.64 24.39 -15.22
N SER C 158 9.89 24.34 -16.52
CA SER C 158 10.73 23.29 -17.07
C SER C 158 12.18 23.66 -16.91
N PHE C 159 12.46 24.95 -16.99
CA PHE C 159 13.82 25.49 -16.87
C PHE C 159 14.38 25.39 -15.45
N ALA C 160 13.53 25.68 -14.45
CA ALA C 160 13.92 25.50 -13.05
C ALA C 160 14.22 24.02 -12.80
N ARG C 161 13.30 23.17 -13.26
CA ARG C 161 13.41 21.73 -13.14
C ARG C 161 14.66 21.19 -13.79
N HIS C 162 14.91 21.67 -15.01
CA HIS C 162 16.06 21.21 -15.76
C HIS C 162 17.35 21.62 -15.09
N SER C 163 17.38 22.82 -14.55
CA SER C 163 18.61 23.35 -13.98
C SER C 163 18.98 22.54 -12.75
N LEU C 164 18.00 22.32 -11.89
CA LEU C 164 18.18 21.52 -10.69
C LEU C 164 18.64 20.09 -11.02
N LEU C 165 18.08 19.53 -12.08
CA LEU C 165 18.42 18.17 -12.48
C LEU C 165 19.90 18.07 -12.83
N GLN C 166 20.39 19.05 -13.58
CA GLN C 166 21.78 19.06 -14.05
C GLN C 166 22.75 19.32 -12.91
N THR C 167 22.30 20.05 -11.89
CA THR C 167 23.05 20.22 -10.65
C THR C 167 23.18 18.86 -9.93
N LEU C 168 22.06 18.14 -9.89
CA LEU C 168 21.94 16.85 -9.21
C LEU C 168 22.73 15.73 -9.87
N TYR C 169 22.85 15.76 -11.19
CA TYR C 169 23.70 14.80 -11.88
C TYR C 169 25.18 14.99 -11.51
N LYS C 170 25.56 16.25 -11.26
CA LYS C 170 26.94 16.64 -10.91
C LYS C 170 27.37 16.17 -9.49
N VAL C 171 26.39 15.89 -8.63
CA VAL C 171 26.63 15.50 -7.24
C VAL C 171 27.22 14.10 -7.09
N LEU D 2 -26.72 -24.39 -24.23
CA LEU D 2 -25.98 -25.47 -24.88
C LEU D 2 -24.48 -25.13 -24.96
N ASP D 3 -24.18 -23.86 -25.24
CA ASP D 3 -22.81 -23.38 -25.40
C ASP D 3 -22.01 -23.47 -24.09
N VAL D 4 -22.51 -22.82 -23.03
CA VAL D 4 -22.04 -23.02 -21.65
C VAL D 4 -23.21 -23.14 -20.69
N LEU D 5 -23.13 -24.07 -19.75
CA LEU D 5 -24.22 -24.28 -18.80
C LEU D 5 -23.75 -24.40 -17.33
N ILE D 6 -24.47 -23.78 -16.41
CA ILE D 6 -24.11 -23.96 -15.03
C ILE D 6 -24.87 -25.17 -14.48
N VAL D 7 -24.10 -26.23 -14.23
CA VAL D 7 -24.58 -27.45 -13.61
C VAL D 7 -24.60 -27.37 -12.08
N TYR D 8 -23.57 -26.75 -11.51
CA TYR D 8 -23.42 -26.73 -10.07
C TYR D 8 -22.86 -25.41 -9.57
N GLU D 9 -23.37 -25.01 -8.40
CA GLU D 9 -22.81 -23.90 -7.64
C GLU D 9 -22.81 -24.35 -6.19
N LEU D 10 -21.77 -24.00 -5.44
CA LEU D 10 -21.79 -24.22 -4.01
C LEU D 10 -22.81 -23.26 -3.40
N THR D 11 -23.81 -23.81 -2.71
CA THR D 11 -24.83 -22.93 -2.15
C THR D 11 -25.13 -23.28 -0.70
N PRO D 12 -25.31 -22.24 0.13
CA PRO D 12 -25.61 -22.44 1.55
C PRO D 12 -27.09 -22.72 1.74
N THR D 13 -27.50 -23.04 2.96
CA THR D 13 -28.91 -23.14 3.26
C THR D 13 -29.47 -21.71 3.29
N VAL D 14 -30.77 -21.60 3.52
CA VAL D 14 -31.37 -20.28 3.62
C VAL D 14 -30.80 -19.56 4.84
N GLU D 15 -30.56 -20.35 5.89
CA GLU D 15 -30.11 -19.83 7.18
C GLU D 15 -28.71 -19.26 7.09
N GLU D 16 -27.80 -20.02 6.49
CA GLU D 16 -26.42 -19.59 6.35
C GLU D 16 -26.32 -18.33 5.49
N LYS D 17 -27.02 -18.33 4.37
CA LYS D 17 -27.04 -17.16 3.48
C LYS D 17 -27.65 -15.94 4.19
N ALA D 18 -28.71 -16.16 4.97
CA ALA D 18 -29.31 -15.07 5.74
C ALA D 18 -28.29 -14.46 6.72
N LYS D 19 -27.53 -15.30 7.42
CA LYS D 19 -26.49 -14.85 8.35
C LYS D 19 -25.36 -14.11 7.62
N ALA D 20 -24.90 -14.66 6.51
CA ALA D 20 -23.90 -13.98 5.68
C ALA D 20 -24.42 -12.64 5.19
N ASP D 21 -25.64 -12.62 4.66
CA ASP D 21 -26.24 -11.40 4.15
C ASP D 21 -26.35 -10.31 5.21
N THR D 22 -26.64 -10.72 6.44
CA THR D 22 -26.83 -9.77 7.52
C THR D 22 -25.54 -9.04 7.82
N LEU D 23 -24.44 -9.78 7.70
CA LEU D 23 -23.11 -9.26 8.02
C LEU D 23 -22.38 -8.78 6.77
N LYS D 24 -23.06 -8.86 5.62
CA LYS D 24 -22.50 -8.49 4.32
C LYS D 24 -21.30 -9.36 3.87
N LEU D 25 -21.27 -10.60 4.35
CA LEU D 25 -20.23 -11.58 4.00
C LEU D 25 -20.63 -12.38 2.77
N PRO D 26 -19.64 -12.98 2.08
CA PRO D 26 -20.02 -13.83 0.93
C PRO D 26 -21.00 -14.94 1.34
N PRO D 27 -21.88 -15.34 0.41
CA PRO D 27 -22.89 -16.39 0.69
C PRO D 27 -22.28 -17.67 1.26
N THR D 28 -21.12 -18.05 0.77
CA THR D 28 -20.49 -19.32 1.13
C THR D 28 -19.62 -19.22 2.39
N PHE D 29 -19.69 -18.08 3.09
CA PHE D 29 -18.80 -17.85 4.23
C PHE D 29 -18.88 -18.90 5.34
N PHE D 30 -20.10 -19.22 5.78
CA PHE D 30 -20.33 -20.14 6.90
C PHE D 30 -20.31 -21.63 6.51
N CSD D 31 -19.96 -21.93 5.27
CA CSD D 31 -20.03 -23.28 4.79
CB CSD D 31 -19.96 -23.25 3.28
SG CSD D 31 -21.42 -23.75 2.39
C CSD D 31 -18.97 -24.15 5.37
O CSD D 31 -18.97 -25.39 5.12
OD1 CSD D 31 -22.65 -23.20 2.94
OD2 CSD D 31 -21.41 -23.16 1.08
N TYR D 32 -18.05 -23.56 6.14
CA TYR D 32 -17.03 -24.32 6.86
C TYR D 32 -17.64 -25.20 7.97
N LYS D 33 -18.81 -24.78 8.45
CA LYS D 33 -19.57 -25.49 9.48
C LYS D 33 -20.15 -26.79 8.96
N ASN D 34 -20.17 -26.95 7.63
CA ASN D 34 -20.70 -28.16 6.98
C ASN D 34 -19.61 -29.16 6.63
N ARG D 35 -18.38 -28.84 7.02
CA ARG D 35 -17.23 -29.75 6.86
C ARG D 35 -17.39 -30.92 7.84
N PRO D 36 -17.01 -32.15 7.41
CA PRO D 36 -17.07 -33.37 8.23
C PRO D 36 -16.13 -33.34 9.44
N ASP D 37 -15.02 -32.59 9.33
CA ASP D 37 -14.14 -32.31 10.45
C ASP D 37 -14.82 -31.52 11.58
N TYR D 38 -15.70 -30.58 11.22
CA TYR D 38 -16.20 -29.54 12.13
C TYR D 38 -16.74 -30.10 13.44
N VAL D 39 -16.23 -29.56 14.54
CA VAL D 39 -16.47 -30.09 15.89
C VAL D 39 -17.63 -29.44 16.65
N SER D 40 -18.31 -28.47 16.01
CA SER D 40 -19.29 -27.60 16.70
C SER D 40 -18.62 -27.07 17.97
N GLU D 41 -17.42 -26.54 17.77
CA GLU D 41 -16.41 -26.38 18.82
C GLU D 41 -16.85 -25.60 20.05
N GLU D 42 -16.30 -25.99 21.19
CA GLU D 42 -16.50 -25.30 22.45
C GLU D 42 -15.74 -23.98 22.59
N GLU D 43 -14.44 -24.04 22.28
CA GLU D 43 -13.42 -23.24 22.95
C GLU D 43 -13.44 -21.72 22.85
N GLU D 44 -13.21 -21.06 23.99
CA GLU D 44 -13.00 -19.62 24.01
C GLU D 44 -11.60 -19.26 23.47
N ASP D 45 -11.41 -18.00 23.08
CA ASP D 45 -10.17 -17.62 22.44
C ASP D 45 -9.23 -16.97 23.45
N ASP D 46 -8.30 -17.75 23.97
CA ASP D 46 -7.30 -17.24 24.91
C ASP D 46 -5.97 -17.07 24.21
N GLU D 47 -5.89 -17.55 22.98
CA GLU D 47 -4.61 -17.77 22.31
C GLU D 47 -4.07 -16.47 21.72
N ASP D 48 -2.89 -16.06 22.16
CA ASP D 48 -2.36 -14.77 21.74
C ASP D 48 -1.58 -14.84 20.42
N PHE D 49 -1.18 -13.68 19.94
CA PHE D 49 -0.52 -13.58 18.65
C PHE D 49 0.80 -14.40 18.61
N GLU D 50 1.70 -14.18 19.57
CA GLU D 50 3.00 -14.85 19.54
C GLU D 50 2.93 -16.38 19.60
N THR D 51 1.94 -16.92 20.31
CA THR D 51 1.76 -18.36 20.36
C THR D 51 1.36 -18.87 18.98
N ALA D 52 0.39 -18.17 18.37
CA ALA D 52 -0.02 -18.50 17.01
C ALA D 52 1.21 -18.49 16.09
N VAL D 53 2.08 -17.49 16.24
CA VAL D 53 3.31 -17.45 15.46
C VAL D 53 4.25 -18.63 15.77
N LYS D 54 4.44 -18.94 17.06
CA LYS D 54 5.26 -20.09 17.45
C LYS D 54 4.70 -21.38 16.86
N LYS D 55 3.37 -21.50 16.88
CA LYS D 55 2.68 -22.72 16.44
C LYS D 55 2.92 -23.03 14.96
N LEU D 56 3.49 -22.08 14.23
CA LEU D 56 3.84 -22.27 12.83
C LEU D 56 5.10 -23.14 12.68
N ASN D 57 5.93 -23.13 13.73
CA ASN D 57 7.22 -23.81 13.76
C ASN D 57 8.17 -23.44 12.64
N GLY D 58 8.03 -22.21 12.13
CA GLY D 58 8.87 -21.73 11.06
C GLY D 58 8.49 -22.23 9.67
N LYS D 59 7.39 -22.98 9.57
CA LYS D 59 7.02 -23.50 8.26
C LYS D 59 5.93 -22.63 7.60
N LEU D 60 6.34 -21.87 6.58
CA LEU D 60 5.45 -20.88 5.94
C LEU D 60 4.65 -21.36 4.72
N TYR D 61 5.05 -22.48 4.12
CA TYR D 61 4.39 -22.96 2.89
C TYR D 61 4.11 -24.45 2.94
N LEU D 62 3.15 -24.90 2.14
CA LEU D 62 2.88 -26.33 2.00
C LEU D 62 3.98 -27.03 1.18
N ASP D 63 4.36 -28.24 1.60
CA ASP D 63 5.25 -29.09 0.78
C ASP D 63 4.52 -30.18 0.00
N GLY D 64 3.21 -30.28 0.18
CA GLY D 64 2.42 -31.34 -0.43
C GLY D 64 2.35 -32.61 0.42
N SER D 65 3.06 -32.60 1.55
CA SER D 65 3.15 -33.76 2.45
C SER D 65 2.10 -33.77 3.59
N GLU D 66 1.19 -32.80 3.57
CA GLU D 66 0.28 -32.52 4.69
C GLU D 66 -0.82 -33.57 4.94
#